data_7YTL
#
_entry.id   7YTL
#
_cell.length_a   113.714
_cell.length_b   113.714
_cell.length_c   125.662
_cell.angle_alpha   90.000
_cell.angle_beta   90.000
_cell.angle_gamma   120.000
#
_symmetry.space_group_name_H-M   'P 65 2 2'
#
loop_
_entity.id
_entity.type
_entity.pdbx_description
1 polymer 'Apoptosis inducing factor mitochondria associated 2'
2 non-polymer 'FLAVIN-ADENINE DINUCLEOTIDE'
3 non-polymer UBIQUINONE-1
4 water water
#
_entity_poly.entity_id   1
_entity_poly.type   'polypeptide(L)'
_entity_poly.pdbx_seq_one_letter_code
;MRVVIVGGGFGGIAAASQLKSWAVPFVLVDMRDAFHHNVAALRASVESGFARKTFISYSVTFGDSFRQGKVVGIDPERQQ
VLLSDGEELHYSHLILATGSDGPFPGKFNKVIDMESAIQTYEDMVKEIEKSERILVVGGGAAGVEMAAEIKTEYPAKEVT
LIHSKIALADVELLQSVRQEVKEILLRKGVRLLLSEKVSNVENLTTNQFQKDMVVRTEKGTEVVVDMVVLCTGIKINSSA
YATAFGDKLASNGALNVNKHLQLEGYDNIYAIGDCANLKEPKMAYHAELHANIVVSNIINSLTHKPLKTYQPGSLTFLLS
MGKNDGVGQVKGYYVGHLLVTIAKSRDLFVSKSWKTMGQPMPSLEHHHHHH
;
_entity_poly.pdbx_strand_id   A
#
# COMPACT_ATOMS: atom_id res chain seq x y z
N MET A 1 -0.64 -15.11 27.10
CA MET A 1 0.17 -14.33 26.17
C MET A 1 -0.70 -13.71 25.08
N ARG A 2 -0.20 -12.70 24.38
CA ARG A 2 -0.99 -12.10 23.32
C ARG A 2 -0.09 -11.40 22.32
N VAL A 3 -0.21 -11.77 21.06
CA VAL A 3 0.48 -11.08 19.99
C VAL A 3 -0.47 -10.00 19.51
N VAL A 4 -0.03 -8.75 19.60
CA VAL A 4 -0.80 -7.64 19.08
C VAL A 4 -0.15 -7.24 17.76
N ILE A 5 -0.97 -7.23 16.70
CA ILE A 5 -0.56 -6.82 15.37
C ILE A 5 -1.21 -5.47 15.08
N VAL A 6 -0.41 -4.43 14.92
CA VAL A 6 -0.89 -3.09 14.62
C VAL A 6 -0.79 -2.88 13.12
N GLY A 7 -1.93 -2.91 12.43
CA GLY A 7 -1.90 -2.78 10.98
C GLY A 7 -2.43 -4.03 10.32
N GLY A 8 -3.59 -3.93 9.70
CA GLY A 8 -4.12 -5.13 9.10
C GLY A 8 -4.08 -5.07 7.59
N GLY A 9 -2.92 -4.76 7.02
CA GLY A 9 -2.71 -4.80 5.59
C GLY A 9 -2.19 -6.14 5.12
N PHE A 10 -1.39 -6.11 4.05
CA PHE A 10 -0.91 -7.38 3.51
C PHE A 10 -0.03 -8.09 4.53
N GLY A 11 0.81 -7.34 5.24
CA GLY A 11 1.62 -7.96 6.27
C GLY A 11 0.75 -8.48 7.41
N GLY A 12 -0.16 -7.65 7.89
CA GLY A 12 -0.84 -7.99 9.13
C GLY A 12 -1.81 -9.13 8.98
N ILE A 13 -2.52 -9.21 7.86
CA ILE A 13 -3.43 -10.34 7.68
C ILE A 13 -2.67 -11.61 7.36
N ALA A 14 -1.50 -11.52 6.72
CA ALA A 14 -0.71 -12.74 6.53
C ALA A 14 -0.21 -13.28 7.87
N ALA A 15 0.14 -12.40 8.80
CA ALA A 15 0.61 -12.83 10.11
C ALA A 15 -0.54 -13.25 10.99
N ALA A 16 -1.74 -12.71 10.75
CA ALA A 16 -2.88 -13.08 11.58
C ALA A 16 -3.39 -14.45 11.17
N SER A 17 -3.45 -14.71 9.87
CA SER A 17 -3.84 -16.03 9.40
C SER A 17 -2.97 -17.10 10.01
N GLN A 18 -1.65 -16.91 9.89
CA GLN A 18 -0.72 -17.91 10.39
C GLN A 18 -0.84 -18.09 11.89
N LEU A 19 -0.96 -17.00 12.64
CA LEU A 19 -1.11 -17.14 14.08
C LEU A 19 -2.39 -17.87 14.42
N LYS A 20 -3.43 -17.72 13.59
CA LYS A 20 -4.65 -18.49 13.79
C LYS A 20 -4.42 -19.98 13.51
N SER A 21 -3.70 -20.28 12.42
CA SER A 21 -3.30 -21.65 12.10
C SER A 21 -2.49 -22.27 13.22
N TRP A 22 -1.59 -21.50 13.81
CA TRP A 22 -0.78 -21.97 14.91
C TRP A 22 -1.49 -21.90 16.26
N ALA A 23 -2.72 -21.43 16.29
CA ALA A 23 -3.45 -21.33 17.55
C ALA A 23 -2.69 -20.51 18.59
N VAL A 24 -2.07 -19.41 18.16
CA VAL A 24 -1.38 -18.49 19.05
C VAL A 24 -2.32 -17.32 19.31
N PRO A 25 -2.56 -16.93 20.55
CA PRO A 25 -3.58 -15.90 20.80
C PRO A 25 -3.09 -14.54 20.31
N PHE A 26 -3.99 -13.81 19.66
CA PHE A 26 -3.55 -12.57 19.04
C PHE A 26 -4.72 -11.62 18.96
N VAL A 27 -4.40 -10.34 18.79
CA VAL A 27 -5.37 -9.32 18.44
C VAL A 27 -4.82 -8.52 17.27
N LEU A 28 -5.57 -8.49 16.17
CA LEU A 28 -5.28 -7.63 15.03
C LEU A 28 -6.01 -6.31 15.19
N VAL A 29 -5.27 -5.20 15.06
CA VAL A 29 -5.80 -3.86 15.25
C VAL A 29 -5.69 -3.10 13.94
N ASP A 30 -6.80 -2.49 13.51
CA ASP A 30 -6.72 -1.62 12.35
C ASP A 30 -7.72 -0.49 12.47
N MET A 31 -7.34 0.64 11.87
CA MET A 31 -8.21 1.82 11.77
C MET A 31 -9.54 1.46 11.12
N ARG A 32 -9.49 0.90 9.91
CA ARG A 32 -10.72 0.49 9.24
C ARG A 32 -11.21 -0.80 9.87
N ASP A 33 -12.41 -1.20 9.51
CA ASP A 33 -12.89 -2.53 9.86
C ASP A 33 -12.82 -3.49 8.68
N ALA A 34 -12.12 -3.10 7.63
CA ALA A 34 -11.93 -3.94 6.48
C ALA A 34 -10.59 -3.77 5.88
N PHE A 35 -10.10 -4.81 5.26
CA PHE A 35 -8.84 -4.77 4.61
C PHE A 35 -8.97 -4.12 3.30
N HIS A 36 -7.92 -3.46 2.88
CA HIS A 36 -7.91 -2.78 1.62
C HIS A 36 -6.84 -3.25 0.68
N HIS A 37 -7.21 -3.91 -0.39
CA HIS A 37 -6.26 -4.28 -1.42
C HIS A 37 -5.91 -2.98 -2.08
N ASN A 38 -4.93 -2.30 -1.56
CA ASN A 38 -4.58 -1.00 -2.02
C ASN A 38 -3.93 -0.93 -3.33
N VAL A 39 -3.41 -2.04 -3.77
CA VAL A 39 -2.78 -2.12 -5.04
C VAL A 39 -3.83 -1.92 -6.13
N ALA A 40 -5.04 -2.36 -5.89
CA ALA A 40 -6.11 -2.17 -6.87
C ALA A 40 -7.07 -1.07 -6.46
N ALA A 41 -6.56 -0.02 -5.81
CA ALA A 41 -7.42 1.07 -5.36
C ALA A 41 -7.69 2.04 -6.49
N LEU A 42 -6.68 2.27 -7.34
CA LEU A 42 -6.84 3.23 -8.41
C LEU A 42 -7.89 2.75 -9.42
N ARG A 43 -7.83 1.46 -9.78
CA ARG A 43 -8.92 0.86 -10.55
C ARG A 43 -10.25 0.96 -9.80
N ALA A 44 -10.24 0.76 -8.48
CA ALA A 44 -11.50 0.81 -7.73
C ALA A 44 -12.19 2.16 -7.88
N SER A 45 -11.44 3.23 -8.05
CA SER A 45 -11.98 4.58 -8.13
C SER A 45 -12.37 4.97 -9.56
N VAL A 46 -12.07 4.12 -10.55
CA VAL A 46 -12.39 4.38 -11.94
C VAL A 46 -13.46 3.45 -12.47
N GLU A 47 -13.35 2.15 -12.20
CA GLU A 47 -14.27 1.17 -12.75
C GLU A 47 -15.42 0.93 -11.80
N SER A 48 -16.65 0.99 -12.34
CA SER A 48 -17.84 0.86 -11.51
C SER A 48 -17.90 -0.52 -10.86
N GLY A 49 -18.53 -0.58 -9.69
CA GLY A 49 -18.73 -1.82 -8.96
C GLY A 49 -17.48 -2.61 -8.59
N PHE A 50 -16.29 -2.04 -8.80
CA PHE A 50 -15.02 -2.74 -8.54
C PHE A 50 -14.50 -2.54 -7.11
N ALA A 51 -14.75 -1.39 -6.50
CA ALA A 51 -14.31 -1.17 -5.12
C ALA A 51 -14.87 -2.23 -4.17
N ARG A 52 -16.00 -2.86 -4.52
CA ARG A 52 -16.55 -3.90 -3.67
C ARG A 52 -15.63 -5.12 -3.57
N LYS A 53 -14.76 -5.29 -4.55
CA LYS A 53 -13.78 -6.37 -4.54
C LYS A 53 -12.52 -6.03 -3.75
N THR A 54 -12.35 -4.77 -3.33
CA THR A 54 -11.11 -4.32 -2.72
C THR A 54 -11.21 -4.12 -1.20
N PHE A 55 -12.32 -4.48 -0.57
CA PHE A 55 -12.46 -4.37 0.88
C PHE A 55 -13.04 -5.65 1.46
N ILE A 56 -12.38 -6.22 2.46
CA ILE A 56 -12.77 -7.48 3.07
C ILE A 56 -12.95 -7.28 4.56
N SER A 57 -14.10 -7.67 5.09
CA SER A 57 -14.37 -7.46 6.49
C SER A 57 -13.39 -8.26 7.35
N TYR A 58 -12.79 -7.59 8.34
CA TYR A 58 -11.87 -8.25 9.27
C TYR A 58 -12.59 -9.20 10.21
N SER A 59 -13.79 -8.84 10.68
CA SER A 59 -14.44 -9.61 11.72
C SER A 59 -15.12 -10.87 11.18
N VAL A 60 -15.38 -10.95 9.91
CA VAL A 60 -15.93 -12.15 9.37
C VAL A 60 -14.88 -13.24 9.44
N THR A 61 -13.64 -12.86 9.34
CA THR A 61 -12.56 -13.80 9.37
C THR A 61 -11.91 -14.00 10.69
N PHE A 62 -11.60 -12.93 11.41
CA PHE A 62 -10.82 -13.04 12.62
C PHE A 62 -11.58 -12.90 13.90
N GLY A 63 -12.85 -12.67 13.76
CA GLY A 63 -13.69 -12.56 14.92
C GLY A 63 -13.38 -11.59 15.98
N ASP A 64 -13.11 -12.10 17.15
CA ASP A 64 -12.83 -11.27 18.28
C ASP A 64 -11.36 -11.14 18.43
N SER A 65 -10.65 -11.59 17.43
CA SER A 65 -9.25 -11.44 17.43
C SER A 65 -8.99 -10.20 16.62
N PHE A 66 -10.04 -9.45 16.32
CA PHE A 66 -9.88 -8.19 15.66
C PHE A 66 -10.47 -7.08 16.46
N ARG A 67 -9.80 -5.94 16.49
CA ARG A 67 -10.30 -4.77 17.15
C ARG A 67 -10.12 -3.56 16.32
N GLN A 68 -11.20 -2.94 15.93
CA GLN A 68 -11.07 -1.66 15.24
C GLN A 68 -10.56 -0.59 16.20
N GLY A 69 -9.57 0.16 15.77
CA GLY A 69 -9.00 1.19 16.62
C GLY A 69 -7.90 1.93 15.91
N LYS A 70 -7.65 3.17 16.28
CA LYS A 70 -6.51 3.90 15.73
C LYS A 70 -5.46 3.95 16.84
N VAL A 71 -4.29 3.40 16.57
CA VAL A 71 -3.25 3.37 17.57
C VAL A 71 -2.55 4.72 17.57
N VAL A 72 -2.49 5.36 18.73
CA VAL A 72 -1.79 6.63 18.84
C VAL A 72 -0.49 6.52 19.62
N GLY A 73 -0.21 5.40 20.26
CA GLY A 73 1.07 5.26 20.91
C GLY A 73 1.36 3.84 21.33
N ILE A 74 2.65 3.57 21.48
CA ILE A 74 3.14 2.27 21.92
C ILE A 74 4.05 2.46 23.11
N ASP A 75 3.73 1.79 24.21
CA ASP A 75 4.58 1.82 25.38
C ASP A 75 5.39 0.52 25.42
N PRO A 76 6.64 0.50 24.94
CA PRO A 76 7.37 -0.78 24.85
C PRO A 76 7.95 -1.24 26.16
N GLU A 77 7.91 -0.41 27.19
CA GLU A 77 8.37 -0.84 28.50
C GLU A 77 7.26 -1.57 29.27
N ARG A 78 6.04 -1.01 29.24
CA ARG A 78 4.88 -1.66 29.82
C ARG A 78 4.17 -2.56 28.83
N GLN A 79 4.63 -2.57 27.59
CA GLN A 79 4.08 -3.43 26.55
C GLN A 79 2.59 -3.18 26.37
N GLN A 80 2.25 -1.90 26.17
CA GLN A 80 0.87 -1.47 25.98
C GLN A 80 0.71 -0.84 24.61
N VAL A 81 -0.42 -1.09 23.97
CA VAL A 81 -0.82 -0.44 22.73
C VAL A 81 -1.97 0.52 23.06
N LEU A 82 -1.77 1.80 22.77
CA LEU A 82 -2.67 2.87 23.22
C LEU A 82 -3.57 3.28 22.05
N LEU A 83 -4.89 3.10 22.21
CA LEU A 83 -5.85 3.50 21.21
C LEU A 83 -6.33 4.95 21.42
N SER A 84 -6.94 5.50 20.36
CA SER A 84 -7.44 6.88 20.41
C SER A 84 -8.74 7.03 21.20
N ASP A 85 -9.46 5.94 21.46
CA ASP A 85 -10.62 6.01 22.35
C ASP A 85 -10.25 5.84 23.82
N GLY A 86 -8.99 6.05 24.20
CA GLY A 86 -8.58 5.97 25.59
C GLY A 86 -8.23 4.57 26.09
N GLU A 87 -8.45 3.54 25.29
CA GLU A 87 -8.32 2.17 25.74
C GLU A 87 -6.90 1.65 25.49
N GLU A 88 -6.54 0.57 26.17
CA GLU A 88 -5.19 0.01 26.09
C GLU A 88 -5.21 -1.50 25.91
N LEU A 89 -4.32 -2.01 25.05
CA LEU A 89 -4.14 -3.45 24.89
C LEU A 89 -2.74 -3.84 25.32
N HIS A 90 -2.66 -4.79 26.26
CA HIS A 90 -1.39 -5.38 26.67
C HIS A 90 -0.97 -6.45 25.66
N TYR A 91 0.34 -6.61 25.49
CA TYR A 91 0.91 -7.59 24.59
C TYR A 91 2.12 -8.31 25.20
N SER A 92 2.33 -9.56 24.79
CA SER A 92 3.62 -10.22 25.00
C SER A 92 4.54 -10.04 23.81
N HIS A 93 3.99 -10.04 22.59
CA HIS A 93 4.73 -9.77 21.37
C HIS A 93 3.95 -8.73 20.56
N LEU A 94 4.68 -7.82 19.93
CA LEU A 94 4.12 -6.75 19.10
C LEU A 94 4.67 -6.88 17.69
N ILE A 95 3.78 -7.00 16.71
CA ILE A 95 4.16 -6.91 15.30
C ILE A 95 3.64 -5.59 14.78
N LEU A 96 4.56 -4.71 14.34
CA LEU A 96 4.18 -3.46 13.70
C LEU A 96 4.15 -3.68 12.18
N ALA A 97 2.98 -3.45 11.57
CA ALA A 97 2.83 -3.60 10.12
C ALA A 97 2.01 -2.41 9.67
N THR A 98 2.53 -1.20 9.89
CA THR A 98 1.75 -0.01 9.59
C THR A 98 1.80 0.52 8.16
N GLY A 99 2.58 -0.08 7.28
CA GLY A 99 2.59 0.32 5.88
C GLY A 99 2.87 1.75 5.47
N SER A 100 2.12 2.27 4.48
CA SER A 100 2.38 3.61 3.97
C SER A 100 1.07 4.37 3.87
N ASP A 101 1.15 5.68 4.04
CA ASP A 101 -0.04 6.50 3.93
C ASP A 101 0.20 7.60 2.91
N GLY A 102 -0.91 8.21 2.49
CA GLY A 102 -0.91 9.28 1.54
C GLY A 102 -2.33 9.56 1.09
N PRO A 103 -2.46 10.49 0.14
CA PRO A 103 -3.80 10.98 -0.24
C PRO A 103 -4.68 9.91 -0.87
N PHE A 104 -5.98 10.08 -0.65
CA PHE A 104 -6.98 9.39 -1.43
C PHE A 104 -6.90 9.87 -2.88
N PRO A 105 -7.05 8.98 -3.88
CA PRO A 105 -7.58 7.61 -3.89
C PRO A 105 -6.56 6.48 -3.74
N GLY A 106 -5.27 6.80 -3.71
CA GLY A 106 -4.25 5.76 -3.66
C GLY A 106 -4.23 5.01 -2.34
N LYS A 107 -4.32 5.73 -1.22
CA LYS A 107 -4.34 5.12 0.10
C LYS A 107 -5.66 5.50 0.76
N PHE A 108 -6.13 4.65 1.70
CA PHE A 108 -7.40 4.91 2.38
C PHE A 108 -7.28 4.38 3.80
N ASN A 109 -6.55 5.11 4.64
CA ASN A 109 -6.25 4.70 6.01
C ASN A 109 -6.90 5.71 6.95
N LYS A 110 -8.16 5.45 7.29
CA LYS A 110 -8.90 6.31 8.21
C LYS A 110 -9.93 5.44 8.92
N VAL A 111 -10.43 5.96 10.05
CA VAL A 111 -11.47 5.23 10.76
C VAL A 111 -12.76 5.32 9.98
N ILE A 112 -13.23 4.18 9.51
CA ILE A 112 -14.38 4.14 8.63
C ILE A 112 -14.83 2.70 8.51
N ASP A 113 -16.10 2.54 8.19
CA ASP A 113 -16.80 1.28 8.15
C ASP A 113 -16.82 0.82 6.69
N MET A 114 -16.89 -0.49 6.48
CA MET A 114 -16.65 -1.05 5.15
C MET A 114 -17.57 -0.43 4.11
N GLU A 115 -18.84 -0.23 4.46
CA GLU A 115 -19.82 0.24 3.47
C GLU A 115 -19.55 1.68 3.06
N SER A 116 -19.21 2.55 4.01
CA SER A 116 -18.86 3.92 3.66
C SER A 116 -17.58 3.96 2.82
N ALA A 117 -16.61 3.09 3.13
CA ALA A 117 -15.37 3.01 2.36
C ALA A 117 -15.66 2.71 0.89
N ILE A 118 -16.45 1.65 0.63
CA ILE A 118 -16.81 1.29 -0.73
C ILE A 118 -17.59 2.43 -1.41
N GLN A 119 -18.54 3.02 -0.68
CA GLN A 119 -19.30 4.14 -1.22
C GLN A 119 -18.44 5.40 -1.38
N THR A 120 -17.34 5.55 -0.63
CA THR A 120 -16.42 6.65 -0.93
C THR A 120 -15.77 6.46 -2.30
N TYR A 121 -15.45 5.22 -2.66
CA TYR A 121 -14.83 4.95 -3.96
C TYR A 121 -15.86 4.98 -5.09
N GLU A 122 -17.08 4.50 -4.84
CA GLU A 122 -18.11 4.53 -5.87
C GLU A 122 -18.54 5.96 -6.19
N ASP A 123 -18.49 6.87 -5.21
CA ASP A 123 -18.70 8.29 -5.49
C ASP A 123 -17.62 8.84 -6.41
N MET A 124 -16.37 8.41 -6.20
CA MET A 124 -15.26 8.88 -7.04
C MET A 124 -15.40 8.39 -8.48
N VAL A 125 -15.86 7.15 -8.69
CA VAL A 125 -16.09 6.64 -10.04
C VAL A 125 -17.01 7.56 -10.81
N LYS A 126 -18.09 8.01 -10.16
CA LYS A 126 -19.08 8.84 -10.84
C LYS A 126 -18.58 10.26 -11.07
N GLU A 127 -17.66 10.76 -10.24
CA GLU A 127 -17.10 12.09 -10.51
C GLU A 127 -16.06 12.05 -11.62
N ILE A 128 -15.26 10.99 -11.67
CA ILE A 128 -14.46 10.69 -12.85
C ILE A 128 -15.35 10.64 -14.09
N GLU A 129 -16.46 9.90 -14.02
CA GLU A 129 -17.32 9.70 -15.17
C GLU A 129 -17.82 11.05 -15.73
N LYS A 130 -18.10 12.01 -14.83
CA LYS A 130 -18.62 13.31 -15.23
C LYS A 130 -17.58 14.20 -15.89
N SER A 131 -16.29 13.91 -15.74
CA SER A 131 -15.22 14.85 -16.07
C SER A 131 -14.57 14.50 -17.41
N GLU A 132 -14.55 15.47 -18.33
CA GLU A 132 -13.91 15.27 -19.63
C GLU A 132 -12.42 15.57 -19.59
N ARG A 133 -11.99 16.36 -18.61
CA ARG A 133 -10.63 16.90 -18.51
C ARG A 133 -10.12 16.68 -17.08
N ILE A 134 -9.11 15.82 -16.90
CA ILE A 134 -8.65 15.41 -15.58
C ILE A 134 -7.17 15.71 -15.43
N LEU A 135 -6.82 16.47 -14.39
CA LEU A 135 -5.44 16.60 -13.96
C LEU A 135 -5.15 15.63 -12.81
N VAL A 136 -4.04 14.90 -12.93
CA VAL A 136 -3.53 14.03 -11.88
C VAL A 136 -2.22 14.63 -11.38
N VAL A 137 -2.17 14.99 -10.11
CA VAL A 137 -1.00 15.65 -9.53
C VAL A 137 -0.07 14.59 -8.96
N GLY A 138 1.18 14.59 -9.40
CA GLY A 138 2.19 13.67 -8.93
C GLY A 138 2.44 12.52 -9.88
N GLY A 139 3.70 12.24 -10.20
CA GLY A 139 4.01 11.21 -11.16
C GLY A 139 4.74 10.00 -10.61
N GLY A 140 4.50 9.68 -9.34
CA GLY A 140 4.95 8.44 -8.76
C GLY A 140 4.09 7.28 -9.22
N ALA A 141 4.10 6.20 -8.42
CA ALA A 141 3.40 4.99 -8.82
C ALA A 141 1.89 5.19 -8.75
N ALA A 142 1.43 5.96 -7.77
CA ALA A 142 0.01 6.22 -7.65
C ALA A 142 -0.48 7.10 -8.80
N GLY A 143 0.25 8.19 -9.08
CA GLY A 143 -0.12 9.06 -10.18
C GLY A 143 -0.12 8.36 -11.53
N VAL A 144 0.96 7.63 -11.82
CA VAL A 144 1.04 6.89 -13.09
C VAL A 144 -0.11 5.90 -13.21
N GLU A 145 -0.34 5.12 -12.15
CA GLU A 145 -1.42 4.14 -12.17
C GLU A 145 -2.78 4.79 -12.31
N MET A 146 -2.95 5.96 -11.70
CA MET A 146 -4.23 6.66 -11.84
C MET A 146 -4.44 7.14 -13.26
N ALA A 147 -3.40 7.73 -13.87
CA ALA A 147 -3.50 8.19 -15.25
C ALA A 147 -3.88 7.04 -16.18
N ALA A 148 -3.23 5.90 -16.02
CA ALA A 148 -3.42 4.79 -16.96
C ALA A 148 -4.76 4.09 -16.79
N GLU A 149 -5.34 4.13 -15.59
CA GLU A 149 -6.63 3.48 -15.41
C GLU A 149 -7.78 4.34 -15.91
N ILE A 150 -7.56 5.65 -16.07
CA ILE A 150 -8.58 6.53 -16.62
C ILE A 150 -8.67 6.35 -18.14
N LYS A 151 -7.53 6.46 -18.85
CA LYS A 151 -7.53 6.23 -20.28
C LYS A 151 -7.87 4.78 -20.62
N THR A 152 -7.63 3.83 -19.71
CA THR A 152 -8.06 2.47 -19.95
C THR A 152 -9.57 2.40 -20.10
N GLU A 153 -10.30 2.90 -19.09
CA GLU A 153 -11.76 2.83 -19.09
C GLU A 153 -12.39 3.86 -20.03
N TYR A 154 -11.76 5.02 -20.19
CA TYR A 154 -12.30 6.12 -21.00
C TYR A 154 -11.20 6.56 -21.95
N PRO A 155 -11.06 5.88 -23.11
CA PRO A 155 -9.92 6.19 -24.00
C PRO A 155 -9.97 7.60 -24.56
N ALA A 156 -11.16 8.21 -24.60
CA ALA A 156 -11.37 9.53 -25.20
C ALA A 156 -11.23 10.66 -24.19
N LYS A 157 -11.21 10.37 -22.90
CA LYS A 157 -11.03 11.43 -21.93
C LYS A 157 -9.65 12.03 -22.01
N GLU A 158 -9.52 13.30 -21.69
CA GLU A 158 -8.22 13.92 -21.71
C GLU A 158 -7.66 13.91 -20.35
N VAL A 159 -6.53 13.23 -20.18
CA VAL A 159 -5.91 13.16 -18.89
C VAL A 159 -4.56 13.80 -18.92
N THR A 160 -4.23 14.52 -17.88
CA THR A 160 -2.99 15.18 -17.83
C THR A 160 -2.30 14.80 -16.53
N LEU A 161 -1.01 14.52 -16.57
CA LEU A 161 -0.20 14.17 -15.40
C LEU A 161 0.89 15.21 -15.23
N ILE A 162 0.99 15.79 -14.05
CA ILE A 162 2.03 16.77 -13.75
C ILE A 162 2.92 16.22 -12.65
N HIS A 163 4.23 16.37 -12.81
CA HIS A 163 5.20 15.74 -11.93
C HIS A 163 6.37 16.69 -11.80
N SER A 164 7.06 16.62 -10.66
CA SER A 164 8.06 17.62 -10.35
C SER A 164 9.49 17.19 -10.69
N LYS A 165 9.72 15.96 -11.17
CA LYS A 165 11.04 15.60 -11.64
C LYS A 165 11.00 15.44 -13.15
N ILE A 166 12.11 14.89 -13.61
CA ILE A 166 12.51 14.87 -14.99
C ILE A 166 11.93 13.64 -15.67
N ALA A 167 11.75 12.55 -14.91
CA ALA A 167 11.20 11.30 -15.40
C ALA A 167 10.11 10.84 -14.44
N LEU A 168 9.16 10.09 -14.98
CA LEU A 168 8.09 9.55 -14.18
C LEU A 168 8.63 8.55 -13.16
N ALA A 169 7.78 8.25 -12.17
CA ALA A 169 8.01 7.16 -11.22
C ALA A 169 9.29 7.30 -10.39
N ASP A 170 9.70 6.17 -9.81
CA ASP A 170 10.59 6.15 -8.65
C ASP A 170 12.05 6.06 -9.08
N VAL A 171 12.90 6.89 -8.48
CA VAL A 171 14.31 6.96 -8.82
C VAL A 171 14.96 5.57 -8.77
N GLU A 172 14.55 4.73 -7.82
CA GLU A 172 15.16 3.41 -7.66
C GLU A 172 14.66 2.38 -8.67
N LEU A 173 13.91 2.81 -9.68
CA LEU A 173 13.61 2.01 -10.86
C LEU A 173 14.57 2.35 -11.98
N LEU A 174 14.82 1.38 -12.85
CA LEU A 174 15.77 1.59 -13.92
C LEU A 174 15.34 2.76 -14.80
N GLN A 175 16.30 3.63 -15.10
CA GLN A 175 16.04 4.76 -15.99
C GLN A 175 15.36 4.34 -17.28
N SER A 176 15.53 3.09 -17.70
CA SER A 176 14.83 2.55 -18.86
C SER A 176 13.46 2.00 -18.52
N VAL A 177 13.19 1.75 -17.24
CA VAL A 177 11.84 1.40 -16.78
C VAL A 177 11.00 2.66 -16.58
N ARG A 178 11.55 3.67 -15.90
CA ARG A 178 10.91 4.97 -15.85
C ARG A 178 10.55 5.44 -17.26
N GLN A 179 11.50 5.30 -18.18
CA GLN A 179 11.25 5.72 -19.55
C GLN A 179 10.19 4.84 -20.20
N GLU A 180 10.20 3.55 -19.90
CA GLU A 180 9.12 2.67 -20.35
C GLU A 180 7.77 3.12 -19.80
N VAL A 181 7.76 3.63 -18.56
CA VAL A 181 6.53 4.13 -17.96
C VAL A 181 6.06 5.38 -18.70
N LYS A 182 7.00 6.29 -18.98
CA LYS A 182 6.72 7.47 -19.79
C LYS A 182 6.05 7.08 -21.11
N GLU A 183 6.41 5.94 -21.67
CA GLU A 183 5.97 5.61 -23.01
C GLU A 183 4.70 4.78 -22.99
N ILE A 184 4.48 3.99 -21.93
CA ILE A 184 3.16 3.38 -21.77
C ILE A 184 2.12 4.46 -21.50
N LEU A 185 2.50 5.57 -20.87
CA LEU A 185 1.53 6.62 -20.67
C LEU A 185 1.25 7.38 -21.97
N LEU A 186 2.28 7.59 -22.79
CA LEU A 186 2.09 8.28 -24.06
C LEU A 186 1.29 7.45 -25.04
N ARG A 187 1.51 6.14 -25.08
CA ARG A 187 0.73 5.29 -25.98
C ARG A 187 -0.76 5.32 -25.67
N LYS A 188 -1.13 5.54 -24.40
CA LYS A 188 -2.53 5.59 -24.03
C LYS A 188 -3.17 6.96 -24.24
N GLY A 189 -2.39 7.97 -24.59
CA GLY A 189 -2.94 9.28 -24.80
C GLY A 189 -2.90 10.19 -23.59
N VAL A 190 -2.02 9.93 -22.63
CA VAL A 190 -1.86 10.77 -21.45
C VAL A 190 -0.81 11.84 -21.75
N ARG A 191 -1.19 13.09 -21.50
CA ARG A 191 -0.32 14.22 -21.74
C ARG A 191 0.47 14.49 -20.52
N LEU A 192 1.77 14.61 -20.67
CA LEU A 192 2.62 14.79 -19.52
C LEU A 192 3.07 16.22 -19.34
N LEU A 193 3.37 16.58 -18.08
CA LEU A 193 3.91 17.91 -17.70
C LEU A 193 5.00 17.65 -16.67
N LEU A 194 6.21 17.42 -17.15
CA LEU A 194 7.29 17.05 -16.26
C LEU A 194 7.98 18.28 -15.67
N SER A 195 8.84 18.01 -14.70
CA SER A 195 9.70 18.98 -14.03
C SER A 195 8.99 20.31 -13.75
N GLU A 196 7.79 20.22 -13.17
CA GLU A 196 7.16 21.42 -12.64
C GLU A 196 6.09 21.04 -11.62
N LYS A 197 5.98 21.89 -10.60
CA LYS A 197 5.22 21.63 -9.40
C LYS A 197 3.99 22.52 -9.39
N VAL A 198 2.86 21.97 -8.95
CA VAL A 198 1.66 22.77 -8.80
C VAL A 198 1.88 23.82 -7.71
N SER A 199 1.36 25.01 -7.95
CA SER A 199 1.47 26.05 -6.97
C SER A 199 0.15 26.11 -6.29
N ASN A 200 0.16 26.49 -5.02
CA ASN A 200 -1.08 26.63 -4.28
C ASN A 200 -1.88 25.35 -4.36
N VAL A 201 -1.23 24.24 -4.11
CA VAL A 201 -1.87 22.96 -4.19
C VAL A 201 -3.01 22.94 -3.23
N GLU A 202 -2.83 23.56 -2.09
CA GLU A 202 -3.84 23.50 -1.08
C GLU A 202 -5.15 24.10 -1.46
N ASN A 203 -5.15 24.96 -2.44
CA ASN A 203 -6.35 25.64 -2.83
C ASN A 203 -7.17 24.94 -3.89
N LEU A 204 -6.77 23.75 -4.27
CA LEU A 204 -7.49 23.02 -5.31
C LEU A 204 -8.69 22.22 -4.85
N THR A 205 -9.74 22.24 -5.65
CA THR A 205 -10.92 21.43 -5.37
C THR A 205 -10.69 20.04 -5.92
N THR A 206 -10.45 19.07 -5.04
CA THR A 206 -10.01 17.75 -5.49
C THR A 206 -11.12 16.72 -5.39
N ASN A 207 -10.94 15.64 -6.15
CA ASN A 207 -11.83 14.49 -6.19
C ASN A 207 -13.26 14.85 -6.54
N GLN A 208 -13.49 16.01 -7.16
CA GLN A 208 -14.85 16.42 -7.53
C GLN A 208 -14.89 17.04 -8.92
N PHE A 209 -16.03 16.85 -9.60
CA PHE A 209 -16.27 17.48 -10.89
C PHE A 209 -16.54 18.97 -10.73
N GLN A 210 -15.72 19.80 -11.38
CA GLN A 210 -15.87 21.26 -11.36
C GLN A 210 -15.40 21.78 -12.72
N LYS A 211 -16.38 22.14 -13.58
CA LYS A 211 -16.09 22.63 -14.93
C LYS A 211 -15.19 23.86 -14.88
N ASP A 212 -14.15 23.86 -15.71
CA ASP A 212 -13.31 25.04 -15.97
C ASP A 212 -12.49 25.44 -14.75
N MET A 213 -11.73 24.48 -14.21
CA MET A 213 -10.76 24.77 -13.16
C MET A 213 -9.41 25.11 -13.80
N VAL A 214 -8.73 26.11 -13.23
CA VAL A 214 -7.48 26.62 -13.76
C VAL A 214 -6.37 26.31 -12.77
N VAL A 215 -5.45 25.43 -13.16
CA VAL A 215 -4.30 25.03 -12.35
C VAL A 215 -3.07 25.74 -12.91
N ARG A 216 -2.39 26.48 -12.05
CA ARG A 216 -1.15 27.18 -12.39
C ARG A 216 0.02 26.42 -11.77
N THR A 217 1.11 26.27 -12.51
CA THR A 217 2.30 25.64 -11.95
C THR A 217 3.22 26.71 -11.36
N GLU A 218 4.38 26.28 -10.82
CA GLU A 218 5.37 27.27 -10.40
C GLU A 218 6.10 27.89 -11.58
N LYS A 219 6.05 27.23 -12.75
CA LYS A 219 6.54 27.78 -14.00
C LYS A 219 5.60 28.80 -14.62
N GLY A 220 4.43 29.04 -14.02
CA GLY A 220 3.41 29.86 -14.63
C GLY A 220 2.53 29.15 -15.63
N THR A 221 2.89 27.94 -16.06
CA THR A 221 2.07 27.16 -16.99
C THR A 221 0.66 26.99 -16.44
N GLU A 222 -0.31 26.96 -17.34
CA GLU A 222 -1.72 26.86 -16.98
C GLU A 222 -2.38 25.74 -17.78
N VAL A 223 -3.21 24.96 -17.11
CA VAL A 223 -4.05 23.97 -17.79
C VAL A 223 -5.44 24.08 -17.20
N VAL A 224 -6.44 23.83 -18.04
CA VAL A 224 -7.83 23.90 -17.62
C VAL A 224 -8.42 22.51 -17.74
N VAL A 225 -9.04 22.05 -16.65
CA VAL A 225 -9.52 20.69 -16.52
C VAL A 225 -10.83 20.72 -15.73
N ASP A 226 -11.53 19.60 -15.75
CA ASP A 226 -12.75 19.46 -14.96
C ASP A 226 -12.56 18.67 -13.65
N MET A 227 -11.34 18.24 -13.32
CA MET A 227 -11.21 17.52 -12.05
C MET A 227 -9.75 17.37 -11.70
N VAL A 228 -9.42 17.53 -10.41
CA VAL A 228 -8.07 17.31 -9.91
C VAL A 228 -8.08 16.05 -9.04
N VAL A 229 -7.15 15.14 -9.34
CA VAL A 229 -6.89 13.97 -8.50
C VAL A 229 -5.50 14.16 -7.91
N LEU A 230 -5.38 13.97 -6.61
CA LEU A 230 -4.12 14.24 -5.92
C LEU A 230 -3.41 12.91 -5.64
N CYS A 231 -2.23 12.74 -6.20
CA CYS A 231 -1.42 11.54 -5.98
C CYS A 231 0.00 11.94 -5.64
N THR A 232 0.12 12.79 -4.62
CA THR A 232 1.40 13.37 -4.21
C THR A 232 1.92 12.68 -2.95
N GLY A 233 3.10 12.06 -3.06
CA GLY A 233 3.89 11.74 -1.87
C GLY A 233 3.66 10.75 -0.74
N ILE A 234 3.47 9.49 -1.11
CA ILE A 234 3.32 8.39 -0.17
C ILE A 234 4.48 8.17 0.79
N LYS A 235 4.23 8.26 2.09
CA LYS A 235 5.25 8.06 3.11
C LYS A 235 4.95 6.83 3.96
N ILE A 236 5.98 6.36 4.64
CA ILE A 236 5.78 5.31 5.62
C ILE A 236 4.90 5.87 6.73
N ASN A 237 4.02 5.02 7.27
CA ASN A 237 3.05 5.46 8.28
C ASN A 237 3.60 5.13 9.66
N SER A 238 4.20 6.14 10.29
CA SER A 238 4.80 6.02 11.60
C SER A 238 3.88 6.49 12.72
N SER A 239 2.60 6.78 12.41
CA SER A 239 1.72 7.39 13.39
C SER A 239 1.60 6.55 14.65
N ALA A 240 1.57 5.21 14.50
CA ALA A 240 1.34 4.33 15.65
C ALA A 240 2.52 4.29 16.60
N TYR A 241 3.74 4.56 16.12
CA TYR A 241 4.93 4.32 16.93
C TYR A 241 5.91 5.47 16.98
N ALA A 242 5.62 6.59 16.33
CA ALA A 242 6.57 7.70 16.34
C ALA A 242 6.89 8.17 17.77
N THR A 243 5.89 8.24 18.65
CA THR A 243 6.17 8.78 19.98
C THR A 243 7.12 7.88 20.74
N ALA A 244 7.04 6.57 20.50
CA ALA A 244 7.89 5.63 21.21
C ALA A 244 9.31 5.60 20.65
N PHE A 245 9.47 5.63 19.34
CA PHE A 245 10.76 5.38 18.71
C PHE A 245 11.22 6.55 17.83
N GLY A 246 10.73 7.77 18.11
CA GLY A 246 10.95 8.88 17.18
C GLY A 246 12.42 9.17 16.92
N ASP A 247 13.20 9.37 18.00
CA ASP A 247 14.63 9.59 17.88
C ASP A 247 15.29 8.59 16.93
N LYS A 248 14.86 7.33 16.98
CA LYS A 248 15.56 6.17 16.42
C LYS A 248 15.05 5.72 15.06
N LEU A 249 14.10 6.42 14.46
CA LEU A 249 13.65 5.96 13.18
C LEU A 249 14.71 6.26 12.11
N ALA A 250 14.56 5.61 10.96
CA ALA A 250 15.34 5.98 9.79
C ALA A 250 14.83 7.32 9.26
N SER A 251 15.51 7.81 8.24
CA SER A 251 15.13 9.09 7.65
C SER A 251 13.69 9.05 7.10
N ASN A 252 13.26 7.91 6.56
CA ASN A 252 11.95 7.84 5.91
C ASN A 252 10.84 7.34 6.83
N GLY A 253 11.11 7.20 8.12
CA GLY A 253 10.11 6.81 9.08
C GLY A 253 10.08 5.32 9.41
N ALA A 254 10.89 4.51 8.75
CA ALA A 254 10.89 3.06 8.92
C ALA A 254 11.64 2.66 10.18
N LEU A 255 11.37 1.44 10.65
CA LEU A 255 11.97 0.93 11.88
C LEU A 255 13.19 0.08 11.55
N ASN A 256 14.27 0.27 12.32
CA ASN A 256 15.46 -0.55 12.14
C ASN A 256 15.25 -1.91 12.79
N VAL A 257 15.60 -2.96 12.06
CA VAL A 257 15.32 -4.33 12.46
C VAL A 257 16.61 -5.14 12.30
N ASN A 258 16.78 -6.14 13.16
CA ASN A 258 17.90 -7.07 13.01
C ASN A 258 17.53 -8.08 11.93
N LYS A 259 18.33 -9.15 11.79
CA LYS A 259 18.10 -10.09 10.71
C LYS A 259 16.92 -11.02 10.97
N HIS A 260 16.38 -11.02 12.19
CA HIS A 260 15.19 -11.77 12.54
C HIS A 260 13.94 -10.88 12.55
N LEU A 261 14.06 -9.65 12.05
CA LEU A 261 12.98 -8.69 11.91
C LEU A 261 12.49 -8.18 13.25
N GLN A 262 13.29 -8.33 14.29
CA GLN A 262 13.02 -7.70 15.57
C GLN A 262 13.56 -6.28 15.59
N LEU A 263 12.87 -5.40 16.31
CA LEU A 263 13.37 -4.03 16.46
C LEU A 263 14.70 -4.04 17.20
N GLU A 264 15.56 -3.08 16.88
CA GLU A 264 16.95 -3.09 17.36
C GLU A 264 17.04 -3.40 18.84
N GLY A 265 16.29 -2.69 19.68
CA GLY A 265 16.51 -2.86 21.11
C GLY A 265 15.46 -3.64 21.87
N TYR A 266 14.73 -4.52 21.17
CA TYR A 266 13.61 -5.25 21.74
C TYR A 266 13.55 -6.64 21.12
N ASP A 267 13.36 -7.65 21.94
CA ASP A 267 13.26 -9.00 21.42
C ASP A 267 11.83 -9.39 21.08
N ASN A 268 10.85 -8.62 21.58
CA ASN A 268 9.45 -8.99 21.45
C ASN A 268 8.66 -8.01 20.59
N ILE A 269 9.32 -7.10 19.91
CA ILE A 269 8.68 -6.26 18.91
C ILE A 269 9.28 -6.60 17.56
N TYR A 270 8.42 -6.81 16.57
CA TYR A 270 8.87 -7.05 15.21
C TYR A 270 8.26 -6.00 14.30
N ALA A 271 8.92 -5.75 13.17
CA ALA A 271 8.34 -4.92 12.13
C ALA A 271 8.32 -5.70 10.82
N ILE A 272 7.24 -5.57 10.08
CA ILE A 272 7.12 -6.20 8.77
C ILE A 272 6.52 -5.19 7.80
N GLY A 273 6.68 -5.48 6.51
CA GLY A 273 6.09 -4.66 5.46
C GLY A 273 6.85 -3.37 5.22
N ASP A 274 6.11 -2.41 4.65
CA ASP A 274 6.67 -1.10 4.33
C ASP A 274 7.37 -0.46 5.52
N CYS A 275 6.88 -0.68 6.74
CA CYS A 275 7.44 0.06 7.88
C CYS A 275 8.76 -0.53 8.39
N ALA A 276 9.18 -1.69 7.89
CA ALA A 276 10.49 -2.23 8.25
C ALA A 276 11.56 -1.61 7.36
N ASN A 277 12.68 -1.20 7.98
CA ASN A 277 13.73 -0.52 7.22
C ASN A 277 14.67 -1.56 6.64
N LEU A 278 14.22 -2.20 5.58
CA LEU A 278 14.99 -3.21 4.86
C LEU A 278 15.38 -2.67 3.50
N LYS A 279 16.54 -3.11 3.02
CA LYS A 279 17.08 -2.66 1.72
C LYS A 279 16.41 -3.49 0.62
N GLU A 280 15.17 -3.15 0.32
CA GLU A 280 14.43 -3.93 -0.67
C GLU A 280 13.16 -3.16 -1.04
N PRO A 281 12.59 -3.46 -2.19
CA PRO A 281 11.45 -2.65 -2.62
C PRO A 281 10.26 -2.92 -1.73
N LYS A 282 9.57 -1.84 -1.33
CA LYS A 282 8.41 -1.97 -0.47
C LYS A 282 7.25 -2.50 -1.29
N MET A 283 7.01 -3.80 -1.19
CA MET A 283 5.90 -4.40 -1.88
C MET A 283 5.03 -5.22 -0.92
N ALA A 284 3.79 -5.43 -1.36
CA ALA A 284 2.91 -6.34 -0.67
C ALA A 284 3.46 -7.75 -0.69
N TYR A 285 4.19 -8.11 -1.75
CA TYR A 285 4.72 -9.46 -1.87
C TYR A 285 5.71 -9.75 -0.76
N HIS A 286 6.54 -8.75 -0.42
CA HIS A 286 7.55 -8.96 0.61
C HIS A 286 6.95 -8.93 2.00
N ALA A 287 5.88 -8.16 2.20
CA ALA A 287 5.26 -8.07 3.53
C ALA A 287 4.75 -9.43 3.98
N GLU A 288 4.22 -10.23 3.05
CA GLU A 288 3.80 -11.58 3.39
C GLU A 288 4.99 -12.45 3.76
N LEU A 289 6.08 -12.31 3.03
CA LEU A 289 7.31 -13.01 3.41
C LEU A 289 7.80 -12.55 4.78
N HIS A 290 7.76 -11.25 5.05
CA HIS A 290 8.12 -10.79 6.39
C HIS A 290 7.22 -11.44 7.44
N ALA A 291 5.92 -11.47 7.18
CA ALA A 291 4.98 -12.10 8.10
C ALA A 291 5.39 -13.54 8.40
N ASN A 292 5.74 -14.30 7.36
CA ASN A 292 6.12 -15.70 7.56
C ASN A 292 7.28 -15.84 8.54
N ILE A 293 8.29 -14.99 8.40
CA ILE A 293 9.45 -15.07 9.27
C ILE A 293 9.08 -14.67 10.70
N VAL A 294 8.28 -13.61 10.87
CA VAL A 294 7.99 -13.09 12.20
C VAL A 294 7.10 -14.06 12.99
N VAL A 295 6.17 -14.76 12.33
CA VAL A 295 5.38 -15.76 13.04
C VAL A 295 6.24 -16.98 13.36
N SER A 296 7.11 -17.38 12.43
CA SER A 296 8.11 -18.40 12.75
C SER A 296 8.86 -18.04 14.01
N ASN A 297 9.33 -16.81 14.12
CA ASN A 297 10.20 -16.44 15.22
C ASN A 297 9.43 -16.25 16.53
N ILE A 298 8.13 -15.96 16.45
CA ILE A 298 7.33 -16.00 17.65
C ILE A 298 7.17 -17.43 18.14
N ILE A 299 6.98 -18.38 17.22
CA ILE A 299 6.90 -19.77 17.64
C ILE A 299 8.22 -20.24 18.24
N ASN A 300 9.34 -19.94 17.56
CA ASN A 300 10.66 -20.32 18.07
C ASN A 300 10.94 -19.66 19.40
N SER A 301 10.41 -18.46 19.61
CA SER A 301 10.46 -17.85 20.92
C SER A 301 9.80 -18.75 21.96
N LEU A 302 8.69 -19.37 21.57
CA LEU A 302 7.94 -20.21 22.51
C LEU A 302 8.66 -21.53 22.76
N THR A 303 9.34 -22.05 21.74
CA THR A 303 10.02 -23.34 21.83
C THR A 303 11.52 -23.23 22.11
N HIS A 304 11.99 -22.05 22.52
CA HIS A 304 13.41 -21.80 22.79
C HIS A 304 14.30 -22.49 21.75
N LYS A 305 14.02 -22.18 20.50
CA LYS A 305 14.76 -22.74 19.38
C LYS A 305 15.36 -21.57 18.62
N PRO A 306 16.37 -21.79 17.78
CA PRO A 306 17.01 -20.70 17.04
C PRO A 306 16.04 -19.92 16.15
N LEU A 307 16.16 -18.60 16.18
CA LEU A 307 15.37 -17.76 15.29
C LEU A 307 15.75 -17.97 13.83
N LYS A 308 14.75 -17.95 12.96
CA LYS A 308 15.01 -17.96 11.53
C LYS A 308 15.43 -16.58 11.06
N THR A 309 16.24 -16.54 10.01
CA THR A 309 16.72 -15.26 9.50
C THR A 309 16.00 -14.95 8.20
N TYR A 310 15.44 -13.76 8.10
CA TYR A 310 14.79 -13.37 6.85
C TYR A 310 15.85 -13.23 5.77
N GLN A 311 15.81 -14.10 4.77
CA GLN A 311 16.73 -13.97 3.65
C GLN A 311 16.04 -13.08 2.62
N PRO A 312 16.56 -11.85 2.36
CA PRO A 312 15.82 -11.09 1.39
C PRO A 312 15.64 -11.77 0.04
N GLY A 313 16.66 -12.42 -0.49
CA GLY A 313 16.54 -13.05 -1.77
C GLY A 313 15.90 -14.39 -1.66
N SER A 314 14.63 -14.41 -1.30
CA SER A 314 13.97 -15.69 -1.09
C SER A 314 13.45 -16.14 -2.40
N LEU A 315 13.74 -17.38 -2.78
CA LEU A 315 13.22 -17.69 -4.11
C LEU A 315 11.86 -18.35 -4.03
N THR A 316 10.86 -17.59 -3.59
CA THR A 316 9.50 -18.13 -3.50
C THR A 316 8.66 -17.61 -4.64
N PHE A 317 9.16 -17.71 -5.86
CA PHE A 317 8.42 -17.19 -7.01
C PHE A 317 8.42 -18.15 -8.18
N LEU A 318 7.25 -18.40 -8.75
CA LEU A 318 7.17 -19.23 -9.92
C LEU A 318 6.16 -18.48 -10.77
N LEU A 319 6.36 -18.44 -12.08
CA LEU A 319 5.37 -17.83 -12.97
C LEU A 319 4.01 -18.26 -12.51
N SER A 320 3.05 -17.35 -12.42
CA SER A 320 1.79 -17.73 -11.82
C SER A 320 1.18 -18.92 -12.51
N MET A 321 1.30 -18.99 -13.82
CA MET A 321 0.66 -20.09 -14.50
C MET A 321 1.61 -21.03 -15.21
N GLY A 322 1.05 -22.00 -15.93
CA GLY A 322 1.86 -22.96 -16.64
C GLY A 322 1.70 -22.69 -18.10
N LYS A 323 2.50 -21.80 -18.66
CA LYS A 323 2.46 -21.45 -20.09
C LYS A 323 1.20 -20.73 -20.51
N ASN A 324 0.44 -20.28 -19.54
CA ASN A 324 -0.78 -19.59 -19.85
C ASN A 324 -0.37 -18.17 -20.06
N ASP A 325 0.77 -17.80 -19.49
CA ASP A 325 1.27 -16.44 -19.70
C ASP A 325 2.78 -16.46 -19.77
N GLY A 326 3.35 -17.27 -20.66
CA GLY A 326 4.79 -17.41 -20.75
C GLY A 326 5.69 -16.25 -21.15
N VAL A 327 5.26 -15.40 -22.07
CA VAL A 327 6.14 -14.34 -22.58
C VAL A 327 6.64 -13.32 -21.55
N GLY A 328 7.94 -12.99 -21.61
CA GLY A 328 8.51 -12.00 -20.70
C GLY A 328 9.52 -11.15 -21.44
N GLN A 329 9.77 -9.92 -20.99
CA GLN A 329 10.77 -9.09 -21.60
C GLN A 329 12.10 -9.13 -20.87
N VAL A 330 13.21 -8.98 -21.59
CA VAL A 330 14.51 -9.01 -20.99
C VAL A 330 15.00 -7.62 -20.81
N LYS A 331 15.50 -7.32 -19.63
CA LYS A 331 15.93 -5.99 -19.34
C LYS A 331 17.32 -5.86 -18.75
N GLY A 332 18.03 -6.94 -18.54
CA GLY A 332 19.40 -6.80 -18.05
C GLY A 332 20.00 -8.15 -17.73
N TYR A 333 21.26 -8.11 -17.34
CA TYR A 333 21.97 -9.30 -16.90
C TYR A 333 23.00 -8.91 -15.85
N TYR A 334 23.32 -9.87 -15.00
CA TYR A 334 24.45 -9.75 -14.08
C TYR A 334 24.80 -11.18 -13.71
N VAL A 335 25.82 -11.34 -12.88
CA VAL A 335 26.39 -12.67 -12.64
C VAL A 335 25.28 -13.65 -12.21
N GLY A 336 25.13 -14.72 -12.98
CA GLY A 336 24.15 -15.77 -12.71
C GLY A 336 22.70 -15.47 -13.08
N HIS A 337 22.34 -14.23 -13.39
CA HIS A 337 20.93 -13.87 -13.42
C HIS A 337 20.59 -12.99 -14.62
N LEU A 338 19.28 -12.91 -14.89
CA LEU A 338 18.70 -12.06 -15.93
C LEU A 338 17.56 -11.23 -15.32
N LEU A 339 17.70 -9.90 -15.38
CA LEU A 339 16.55 -9.01 -15.20
C LEU A 339 15.54 -9.22 -16.30
N VAL A 340 14.28 -9.42 -15.89
CA VAL A 340 13.14 -9.67 -16.76
C VAL A 340 11.95 -8.89 -16.20
N THR A 341 11.07 -8.42 -17.08
CA THR A 341 9.76 -7.94 -16.63
C THR A 341 8.69 -8.92 -17.08
N ILE A 342 7.66 -9.09 -16.25
CA ILE A 342 6.49 -9.87 -16.60
C ILE A 342 5.28 -9.02 -16.30
N ALA A 343 4.16 -9.39 -16.90
CA ALA A 343 2.94 -8.60 -16.76
C ALA A 343 2.26 -8.91 -15.43
N LYS A 344 1.80 -7.84 -14.76
CA LYS A 344 0.96 -8.01 -13.58
C LYS A 344 -0.35 -8.69 -13.98
N SER A 345 -0.85 -9.56 -13.12
CA SER A 345 -2.13 -10.15 -13.33
C SER A 345 -3.14 -9.07 -13.54
N ARG A 346 -4.14 -9.35 -14.34
CA ARG A 346 -5.11 -8.33 -14.70
C ARG A 346 -6.10 -8.05 -13.64
N ASP A 347 -6.33 -8.97 -12.76
CA ASP A 347 -7.19 -8.71 -11.61
C ASP A 347 -6.44 -8.00 -10.49
N LEU A 348 -5.17 -7.68 -10.70
CA LEU A 348 -4.35 -7.02 -9.68
C LEU A 348 -4.28 -7.83 -8.38
N PHE A 349 -4.31 -9.16 -8.50
CA PHE A 349 -4.09 -10.14 -7.43
C PHE A 349 -5.21 -10.16 -6.38
N VAL A 350 -6.35 -9.56 -6.67
CA VAL A 350 -7.43 -9.46 -5.70
C VAL A 350 -7.87 -10.84 -5.20
N SER A 351 -7.84 -11.84 -6.08
CA SER A 351 -8.33 -13.16 -5.71
C SER A 351 -7.55 -13.73 -4.54
N LYS A 352 -6.25 -13.50 -4.52
CA LYS A 352 -5.39 -13.95 -3.43
C LYS A 352 -5.87 -13.43 -2.07
N SER A 353 -6.18 -12.13 -1.99
CA SER A 353 -6.63 -11.54 -0.73
C SER A 353 -7.88 -12.22 -0.22
N TRP A 354 -8.85 -12.46 -1.09
CA TRP A 354 -10.05 -13.15 -0.65
C TRP A 354 -9.73 -14.57 -0.20
N LYS A 355 -8.78 -15.23 -0.88
CA LYS A 355 -8.35 -16.56 -0.42
C LYS A 355 -7.67 -16.48 0.95
N THR A 356 -6.65 -15.63 1.09
CA THR A 356 -6.00 -15.44 2.40
C THR A 356 -7.04 -15.21 3.52
N MET A 357 -8.10 -14.45 3.21
CA MET A 357 -9.11 -14.09 4.18
C MET A 357 -10.24 -15.10 4.29
N GLY A 358 -10.26 -16.13 3.44
CA GLY A 358 -11.25 -17.18 3.53
C GLY A 358 -12.69 -16.72 3.37
N GLN A 359 -12.96 -15.91 2.35
CA GLN A 359 -14.28 -15.35 2.08
C GLN A 359 -14.57 -15.44 0.59
N PRO A 360 -15.85 -15.59 0.22
CA PRO A 360 -16.20 -15.63 -1.21
C PRO A 360 -16.11 -14.23 -1.78
N MET A 361 -15.49 -14.11 -2.93
CA MET A 361 -15.39 -12.80 -3.52
C MET A 361 -16.78 -12.37 -3.98
N PRO A 362 -17.23 -11.17 -3.63
CA PRO A 362 -18.64 -10.80 -3.85
C PRO A 362 -18.93 -10.49 -5.30
N SER A 363 -20.21 -10.61 -5.65
CA SER A 363 -20.67 -10.39 -7.03
C SER A 363 -22.15 -9.98 -7.13
#